data_6ATG
#
_entry.id   6ATG
#
_cell.length_a   43.742
_cell.length_b   53.772
_cell.length_c   116.587
_cell.angle_alpha   90.000
_cell.angle_beta   92.990
_cell.angle_gamma   90.000
#
_symmetry.space_group_name_H-M   'P 1 21 1'
#
loop_
_entity.id
_entity.type
_entity.pdbx_description
1 polymer 'HCG40889, isoform CRA_b'
2 polymer 'Complement regulator-acquiring surface protein 2 (CRASP-2)'
3 non-polymer 'MAGNESIUM ION'
4 water water
#
loop_
_entity_poly.entity_id
_entity_poly.type
_entity_poly.pdbx_seq_one_letter_code
_entity_poly.pdbx_strand_id
1 'polypeptide(L)' HMKCYFPYLENGYNQNHGRKFVQGKSIDVACHPGYALPKAQTTVTCMENGWSPTPRCIRVK A,D
2 'polypeptide(L)'
;GHMNQRNINELKIFVEKAKYYSIKLDAIYNECTGAYNDIMTYSEGTFSDQSKVNQAISIFKKDNKIVNKFKELEKIIEEY
KPMFLSKLIDDFAIELDQAVDNDVSNARHVADSYKKLRKSVVLAYIESFDVISSKFVDSKFVEASKKFVNKAKEFVEEND
LIALECIVKTIGDMVNDREINSRSRYNNFYKKEADFLGAAVELEGAYKAIKQTL
;
B,C
#
loop_
_chem_comp.id
_chem_comp.type
_chem_comp.name
_chem_comp.formula
MG non-polymer 'MAGNESIUM ION' 'Mg 2'
#
# COMPACT_ATOMS: atom_id res chain seq x y z
N LYS A 3 4.16 -10.79 -12.99
CA LYS A 3 4.00 -10.27 -11.63
C LYS A 3 5.31 -10.23 -10.82
N CYS A 4 5.45 -9.20 -9.98
CA CYS A 4 6.56 -9.09 -9.04
C CYS A 4 6.16 -9.67 -7.67
N TYR A 5 6.98 -10.59 -7.15
CA TYR A 5 6.78 -11.10 -5.80
C TYR A 5 7.41 -10.13 -4.82
N PHE A 6 6.68 -9.74 -3.78
CA PHE A 6 7.30 -8.85 -2.81
C PHE A 6 8.15 -9.67 -1.85
N PRO A 7 9.42 -9.32 -1.68
CA PRO A 7 10.34 -10.17 -0.92
C PRO A 7 10.14 -10.10 0.59
N TYR A 8 10.58 -11.18 1.24
CA TYR A 8 10.89 -11.12 2.66
C TYR A 8 11.88 -9.99 2.90
N LEU A 9 11.70 -9.26 4.00
CA LEU A 9 12.55 -8.11 4.31
C LEU A 9 13.16 -8.30 5.68
N GLU A 10 14.42 -8.70 5.70
CA GLU A 10 15.21 -8.68 6.92
C GLU A 10 15.20 -7.27 7.53
N ASN A 11 14.78 -7.16 8.80
CA ASN A 11 14.76 -5.88 9.53
C ASN A 11 13.77 -4.87 8.93
N GLY A 12 12.72 -5.37 8.29
CA GLY A 12 11.68 -4.53 7.79
C GLY A 12 10.30 -5.00 8.31
N TYR A 13 9.32 -4.16 8.03
CA TYR A 13 7.93 -4.56 8.25
C TYR A 13 7.48 -5.47 7.09
N ASN A 14 6.99 -6.66 7.43
CA ASN A 14 6.84 -7.72 6.44
C ASN A 14 5.38 -8.03 6.10
N GLN A 15 4.50 -7.05 6.16
CA GLN A 15 3.09 -7.33 5.89
C GLN A 15 2.84 -7.76 4.44
N ASN A 16 3.73 -7.43 3.52
CA ASN A 16 3.51 -7.75 2.11
C ASN A 16 4.29 -8.96 1.63
N HIS A 17 5.01 -9.65 2.51
CA HIS A 17 5.89 -10.75 2.10
C HIS A 17 5.07 -11.86 1.44
N GLY A 18 5.52 -12.29 0.26
CA GLY A 18 4.88 -13.38 -0.44
C GLY A 18 3.70 -12.99 -1.30
N ARG A 19 3.24 -11.74 -1.23
CA ARG A 19 2.23 -11.25 -2.15
C ARG A 19 2.87 -10.96 -3.49
N LYS A 20 2.09 -11.10 -4.55
CA LYS A 20 2.58 -10.79 -5.89
C LYS A 20 1.67 -9.75 -6.53
N PHE A 21 2.27 -8.86 -7.33
CA PHE A 21 1.61 -7.67 -7.81
C PHE A 21 1.85 -7.49 -9.30
N VAL A 22 0.87 -6.88 -9.99
CA VAL A 22 0.99 -6.66 -11.42
C VAL A 22 1.96 -5.52 -11.70
N GLN A 23 2.42 -5.48 -12.96
CA GLN A 23 3.25 -4.38 -13.43
C GLN A 23 2.58 -3.03 -13.16
N GLY A 24 3.36 -2.07 -12.65
CA GLY A 24 2.88 -0.74 -12.39
C GLY A 24 2.40 -0.51 -10.96
N LYS A 25 2.19 -1.57 -10.18
CA LYS A 25 1.78 -1.40 -8.80
C LYS A 25 2.89 -0.78 -7.95
N SER A 26 2.51 0.17 -7.11
CA SER A 26 3.40 0.71 -6.09
C SER A 26 3.07 0.16 -4.72
N ILE A 27 4.11 0.06 -3.87
CA ILE A 27 4.02 -0.52 -2.54
C ILE A 27 4.87 0.37 -1.61
N ASP A 28 4.36 0.64 -0.41
CA ASP A 28 5.15 1.32 0.62
C ASP A 28 6.05 0.32 1.33
N VAL A 29 7.29 0.71 1.57
CA VAL A 29 8.25 -0.14 2.28
C VAL A 29 8.70 0.61 3.52
N ALA A 30 8.67 -0.06 4.66
CA ALA A 30 9.09 0.51 5.93
C ALA A 30 10.10 -0.42 6.58
N CYS A 31 11.21 0.14 7.07
CA CYS A 31 12.23 -0.63 7.76
C CYS A 31 12.23 -0.27 9.24
N HIS A 32 12.77 -1.18 10.04
CA HIS A 32 12.89 -0.95 11.48
C HIS A 32 13.95 0.13 11.76
N PRO A 33 13.84 0.83 12.89
CA PRO A 33 14.83 1.85 13.24
C PRO A 33 16.26 1.33 13.19
N GLY A 34 17.15 2.16 12.67
CA GLY A 34 18.51 1.75 12.39
C GLY A 34 18.70 1.15 11.01
N TYR A 35 17.62 0.98 10.26
CA TYR A 35 17.68 0.44 8.90
C TYR A 35 16.80 1.28 7.97
N ALA A 36 17.05 1.18 6.67
CA ALA A 36 16.30 1.99 5.72
C ALA A 36 16.57 1.49 4.31
N LEU A 37 15.66 1.81 3.40
CA LEU A 37 15.99 1.64 1.99
C LEU A 37 17.12 2.60 1.64
N PRO A 38 17.99 2.23 0.70
CA PRO A 38 19.02 3.17 0.26
C PRO A 38 18.40 4.48 -0.21
N LYS A 39 19.14 5.57 0.00
CA LYS A 39 18.78 6.90 -0.50
C LYS A 39 17.44 7.39 0.01
N ALA A 40 17.01 6.88 1.18
CA ALA A 40 15.82 7.33 1.91
C ALA A 40 14.50 7.00 1.23
N GLN A 41 14.50 6.16 0.20
CA GLN A 41 13.28 5.87 -0.53
C GLN A 41 12.27 5.12 0.35
N THR A 42 10.98 5.32 0.07
CA THR A 42 9.94 4.69 0.87
C THR A 42 8.90 3.96 0.03
N THR A 43 8.99 4.02 -1.30
CA THR A 43 8.05 3.32 -2.16
C THR A 43 8.82 2.63 -3.28
N VAL A 44 8.32 1.48 -3.70
CA VAL A 44 8.88 0.75 -4.84
C VAL A 44 7.74 0.43 -5.80
N THR A 45 8.11 0.24 -7.07
CA THR A 45 7.15 0.04 -8.14
C THR A 45 7.55 -1.20 -8.93
N CYS A 46 6.57 -2.05 -9.22
CA CYS A 46 6.83 -3.24 -10.04
C CYS A 46 7.05 -2.82 -11.49
N MET A 47 8.23 -3.10 -12.01
CA MET A 47 8.58 -2.70 -13.37
C MET A 47 9.02 -3.92 -14.16
N GLU A 48 9.54 -3.69 -15.37
CA GLU A 48 9.73 -4.79 -16.31
C GLU A 48 10.76 -5.81 -15.82
N ASN A 49 11.70 -5.39 -14.98
CA ASN A 49 12.77 -6.27 -14.48
C ASN A 49 12.68 -6.50 -12.97
N GLY A 50 11.50 -6.33 -12.38
CA GLY A 50 11.32 -6.45 -10.96
C GLY A 50 11.07 -5.10 -10.29
N TRP A 51 11.23 -5.08 -8.97
CA TRP A 51 10.94 -3.88 -8.20
C TRP A 51 11.96 -2.79 -8.50
N SER A 52 11.46 -1.56 -8.63
CA SER A 52 12.34 -0.39 -8.80
C SER A 52 11.97 0.69 -7.80
N PRO A 53 12.88 1.12 -6.91
CA PRO A 53 14.20 0.51 -6.66
C PRO A 53 14.06 -0.84 -5.99
N THR A 54 15.16 -1.49 -5.66
CA THR A 54 15.11 -2.80 -5.02
C THR A 54 14.80 -2.64 -3.53
N PRO A 55 13.73 -3.25 -3.01
CA PRO A 55 13.47 -3.13 -1.58
C PRO A 55 14.46 -3.97 -0.79
N ARG A 56 15.13 -3.33 0.16
CA ARG A 56 16.02 -4.00 1.09
C ARG A 56 16.37 -3.01 2.20
N CYS A 57 16.53 -3.51 3.42
CA CYS A 57 16.69 -2.66 4.59
C CYS A 57 18.14 -2.69 5.03
N ILE A 58 18.93 -1.73 4.54
CA ILE A 58 20.34 -1.67 4.84
C ILE A 58 20.55 -0.91 6.15
N ARG A 59 21.68 -1.14 6.79
CA ARG A 59 22.01 -0.35 7.97
C ARG A 59 22.28 1.08 7.54
N VAL A 60 21.79 2.03 8.34
CA VAL A 60 22.01 3.45 8.09
C VAL A 60 22.59 4.09 9.34
N LYS A 61 23.55 5.00 9.15
CA LYS A 61 24.21 5.68 10.26
C LYS A 61 23.31 6.69 10.95
N GLY B 1 46.32 -1.07 42.04
CA GLY B 1 47.59 -0.40 41.80
C GLY B 1 48.18 -0.73 40.45
N HIS B 2 49.29 -1.49 40.47
CA HIS B 2 49.93 -1.86 39.21
C HIS B 2 49.04 -2.76 38.38
N MET B 3 48.35 -3.72 39.03
CA MET B 3 47.50 -4.64 38.29
C MET B 3 46.28 -3.95 37.71
N ASN B 4 45.71 -2.96 38.43
CA ASN B 4 44.57 -2.21 37.92
C ASN B 4 44.94 -1.45 36.65
N GLN B 5 46.14 -0.86 36.63
CA GLN B 5 46.58 -0.16 35.42
C GLN B 5 46.75 -1.13 34.26
N ARG B 6 47.34 -2.30 34.51
CA ARG B 6 47.50 -3.29 33.45
C ARG B 6 46.15 -3.83 32.96
N ASN B 7 45.16 -3.94 33.86
CA ASN B 7 43.82 -4.32 33.45
C ASN B 7 43.22 -3.26 32.52
N ILE B 8 43.35 -1.99 32.90
CA ILE B 8 42.85 -0.90 32.08
C ILE B 8 43.57 -0.88 30.74
N ASN B 9 44.89 -1.09 30.76
CA ASN B 9 45.65 -1.18 29.50
C ASN B 9 45.10 -2.30 28.61
N GLU B 10 44.88 -3.50 29.17
CA GLU B 10 44.38 -4.60 28.37
C GLU B 10 43.04 -4.26 27.73
N LEU B 11 42.16 -3.59 28.47
CA LEU B 11 40.87 -3.19 27.95
C LEU B 11 41.01 -2.19 26.81
N LYS B 12 41.85 -1.16 27.00
CA LYS B 12 41.99 -0.12 25.99
C LYS B 12 42.57 -0.67 24.70
N ILE B 13 43.49 -1.64 24.81
CA ILE B 13 44.07 -2.26 23.63
C ILE B 13 43.01 -3.04 22.85
N PHE B 14 42.21 -3.85 23.57
CA PHE B 14 41.12 -4.57 22.92
C PHE B 14 40.16 -3.62 22.22
N VAL B 15 39.75 -2.57 22.93
CA VAL B 15 38.74 -1.66 22.38
C VAL B 15 39.26 -0.98 21.12
N GLU B 16 40.52 -0.52 21.15
CA GLU B 16 41.11 0.09 19.97
C GLU B 16 41.24 -0.91 18.83
N LYS B 17 41.68 -2.13 19.12
CA LYS B 17 41.87 -3.10 18.05
C LYS B 17 40.55 -3.46 17.38
N ALA B 18 39.46 -3.44 18.16
CA ALA B 18 38.15 -3.89 17.72
C ALA B 18 37.21 -2.73 17.39
N LYS B 19 37.74 -1.52 17.21
CA LYS B 19 36.87 -0.36 17.08
C LYS B 19 36.10 -0.32 15.77
N TYR B 20 36.52 -1.07 14.75
CA TYR B 20 35.80 -1.15 13.48
C TYR B 20 34.77 -2.27 13.46
N TYR B 21 34.56 -2.96 14.58
CA TYR B 21 33.75 -4.18 14.57
C TYR B 21 32.34 -3.91 14.04
N SER B 22 31.69 -2.84 14.49
CA SER B 22 30.33 -2.57 14.04
C SER B 22 30.31 -2.11 12.59
N ILE B 23 31.26 -1.26 12.19
CA ILE B 23 31.30 -0.79 10.80
C ILE B 23 31.50 -1.96 9.84
N LYS B 24 32.35 -2.92 10.23
CA LYS B 24 32.68 -4.04 9.36
C LYS B 24 31.56 -5.07 9.32
N LEU B 25 30.89 -5.32 10.45
CA LEU B 25 29.78 -6.26 10.39
C LEU B 25 28.60 -5.65 9.63
N ASP B 26 28.37 -4.34 9.79
CA ASP B 26 27.35 -3.66 8.97
C ASP B 26 27.67 -3.78 7.49
N ALA B 27 28.96 -3.74 7.13
CA ALA B 27 29.35 -3.84 5.73
C ALA B 27 29.04 -5.21 5.14
N ILE B 28 29.32 -6.28 5.89
CA ILE B 28 28.88 -7.61 5.47
C ILE B 28 27.36 -7.63 5.34
N TYR B 29 26.64 -7.10 6.35
CA TYR B 29 25.19 -7.15 6.31
C TYR B 29 24.64 -6.45 5.06
N ASN B 30 25.19 -5.29 4.72
CA ASN B 30 24.63 -4.53 3.61
C ASN B 30 24.86 -5.24 2.29
N GLU B 31 26.02 -5.86 2.12
CA GLU B 31 26.29 -6.58 0.89
C GLU B 31 25.43 -7.82 0.75
N CYS B 32 25.04 -8.42 1.88
CA CYS B 32 24.35 -9.70 1.84
C CYS B 32 22.84 -9.62 2.02
N THR B 33 22.27 -8.48 2.44
CA THR B 33 20.88 -8.52 2.87
C THR B 33 19.92 -8.81 1.71
N GLY B 34 20.15 -8.22 0.54
CA GLY B 34 19.34 -8.58 -0.62
C GLY B 34 19.39 -10.06 -0.94
N ALA B 35 20.59 -10.66 -0.87
CA ALA B 35 20.73 -12.09 -1.13
C ALA B 35 20.00 -12.91 -0.08
N TYR B 36 20.15 -12.54 1.20
CA TYR B 36 19.44 -13.24 2.27
C TYR B 36 17.94 -13.18 2.03
N ASN B 37 17.43 -11.99 1.69
CA ASN B 37 16.01 -11.83 1.44
C ASN B 37 15.52 -12.72 0.28
N ASP B 38 16.27 -12.77 -0.81
CA ASP B 38 15.87 -13.61 -1.95
C ASP B 38 15.77 -15.07 -1.55
N ILE B 39 16.73 -15.56 -0.77
CA ILE B 39 16.68 -16.97 -0.33
C ILE B 39 15.47 -17.20 0.57
N MET B 40 15.25 -16.30 1.54
CA MET B 40 14.12 -16.49 2.45
C MET B 40 12.80 -16.47 1.68
N THR B 41 12.71 -15.62 0.65
CA THR B 41 11.48 -15.53 -0.14
C THR B 41 11.20 -16.84 -0.86
N TYR B 42 12.24 -17.44 -1.45
CA TYR B 42 12.15 -18.70 -2.15
C TYR B 42 11.80 -19.84 -1.20
N SER B 43 12.43 -19.85 -0.02
CA SER B 43 12.26 -20.95 0.93
C SER B 43 10.94 -20.89 1.67
N GLU B 44 10.39 -19.69 1.90
CA GLU B 44 9.17 -19.54 2.69
C GLU B 44 7.90 -19.46 1.86
N GLY B 45 8.01 -19.35 0.54
CA GLY B 45 6.82 -19.09 -0.26
C GLY B 45 6.84 -19.77 -1.60
N THR B 46 6.05 -19.27 -2.55
CA THR B 46 5.91 -19.88 -3.87
C THR B 46 6.82 -19.26 -4.92
N PHE B 47 7.53 -18.17 -4.61
CA PHE B 47 8.55 -17.62 -5.50
C PHE B 47 9.49 -18.73 -5.96
N SER B 48 9.70 -18.82 -7.27
CA SER B 48 10.39 -19.99 -7.83
C SER B 48 11.59 -19.69 -8.72
N ASP B 49 12.00 -18.43 -8.87
CA ASP B 49 13.08 -18.10 -9.81
C ASP B 49 14.41 -18.55 -9.24
N GLN B 50 14.86 -19.72 -9.70
CA GLN B 50 16.09 -20.31 -9.17
C GLN B 50 17.31 -19.52 -9.60
N SER B 51 17.24 -18.81 -10.73
CA SER B 51 18.38 -17.99 -11.12
C SER B 51 18.62 -16.88 -10.09
N LYS B 52 17.57 -16.31 -9.51
CA LYS B 52 17.80 -15.34 -8.45
C LYS B 52 18.46 -15.99 -7.25
N VAL B 53 17.98 -17.18 -6.86
CA VAL B 53 18.53 -17.83 -5.69
C VAL B 53 19.97 -18.23 -5.95
N ASN B 54 20.29 -18.65 -7.19
CA ASN B 54 21.68 -18.96 -7.49
C ASN B 54 22.56 -17.72 -7.41
N GLN B 55 22.05 -16.56 -7.85
CA GLN B 55 22.80 -15.31 -7.73
C GLN B 55 22.97 -14.92 -6.27
N ALA B 56 21.99 -15.24 -5.43
CA ALA B 56 22.10 -14.93 -4.01
C ALA B 56 23.13 -15.81 -3.33
N ILE B 57 23.13 -17.12 -3.60
CA ILE B 57 24.18 -17.97 -3.04
C ILE B 57 25.55 -17.49 -3.49
N SER B 58 25.62 -16.98 -4.73
CA SER B 58 26.87 -16.46 -5.27
C SER B 58 27.41 -15.33 -4.42
N ILE B 59 26.53 -14.45 -3.93
CA ILE B 59 26.98 -13.36 -3.05
C ILE B 59 27.66 -13.92 -1.81
N PHE B 60 27.09 -14.97 -1.20
CA PHE B 60 27.66 -15.54 0.02
C PHE B 60 28.94 -16.34 -0.25
N LYS B 61 29.14 -16.82 -1.49
CA LYS B 61 30.15 -17.84 -1.79
C LYS B 61 31.33 -17.33 -2.62
N LYS B 62 31.09 -16.39 -3.53
CA LYS B 62 32.05 -16.10 -4.58
C LYS B 62 33.38 -15.59 -4.04
N ASP B 63 34.47 -16.21 -4.50
CA ASP B 63 35.84 -15.82 -4.18
C ASP B 63 36.14 -15.86 -2.68
N ASN B 64 35.32 -16.58 -1.91
CA ASN B 64 35.40 -16.60 -0.45
C ASN B 64 35.38 -15.19 0.15
N LYS B 65 34.80 -14.21 -0.57
CA LYS B 65 34.86 -12.84 -0.09
C LYS B 65 34.19 -12.68 1.27
N ILE B 66 32.95 -13.17 1.40
CA ILE B 66 32.22 -12.97 2.66
C ILE B 66 32.81 -13.83 3.77
N VAL B 67 33.20 -15.07 3.46
CA VAL B 67 33.88 -15.90 4.46
C VAL B 67 35.12 -15.19 4.98
N ASN B 68 35.89 -14.58 4.09
CA ASN B 68 37.12 -13.92 4.52
C ASN B 68 36.85 -12.66 5.34
N LYS B 69 35.73 -11.97 5.07
CA LYS B 69 35.34 -10.84 5.92
C LYS B 69 35.03 -11.32 7.33
N PHE B 70 34.40 -12.47 7.47
CA PHE B 70 34.17 -13.04 8.80
C PHE B 70 35.49 -13.47 9.44
N LYS B 71 36.39 -14.10 8.68
CA LYS B 71 37.68 -14.49 9.25
C LYS B 71 38.48 -13.28 9.71
N GLU B 72 38.33 -12.15 9.01
CA GLU B 72 38.99 -10.92 9.44
C GLU B 72 38.49 -10.45 10.80
N LEU B 73 37.18 -10.57 11.05
CA LEU B 73 36.63 -10.22 12.35
C LEU B 73 37.11 -11.19 13.43
N GLU B 74 37.22 -12.48 13.07
CA GLU B 74 37.77 -13.45 14.01
C GLU B 74 39.19 -13.08 14.43
N LYS B 75 40.02 -12.67 13.47
CA LYS B 75 41.41 -12.35 13.78
C LYS B 75 41.51 -11.17 14.74
N ILE B 76 40.54 -10.25 14.71
CA ILE B 76 40.63 -9.09 15.59
C ILE B 76 40.56 -9.51 17.05
N ILE B 77 39.80 -10.55 17.37
CA ILE B 77 39.68 -10.98 18.75
C ILE B 77 40.44 -12.28 18.98
N GLU B 78 41.51 -12.48 18.21
CA GLU B 78 42.26 -13.74 18.24
C GLU B 78 42.66 -14.15 19.65
N GLU B 79 43.07 -13.18 20.47
CA GLU B 79 43.58 -13.48 21.81
C GLU B 79 42.49 -14.04 22.73
N TYR B 80 41.22 -13.83 22.37
CA TYR B 80 40.08 -14.20 23.20
C TYR B 80 39.04 -15.02 22.45
N LYS B 81 39.36 -15.48 21.23
CA LYS B 81 38.35 -16.00 20.33
C LYS B 81 37.61 -17.16 20.97
N PRO B 82 36.28 -17.17 20.93
CA PRO B 82 35.53 -18.29 21.51
C PRO B 82 35.45 -19.45 20.53
N MET B 83 35.42 -20.66 21.11
CA MET B 83 35.30 -21.85 20.29
C MET B 83 34.02 -21.83 19.45
N PHE B 84 32.94 -21.23 19.98
CA PHE B 84 31.70 -21.22 19.21
C PHE B 84 31.81 -20.38 17.94
N LEU B 85 32.72 -19.39 17.89
CA LEU B 85 32.88 -18.60 16.67
C LEU B 85 33.59 -19.38 15.57
N SER B 86 34.70 -20.05 15.91
CA SER B 86 35.39 -20.87 14.92
C SER B 86 34.49 -21.98 14.37
N LYS B 87 33.70 -22.61 15.25
CA LYS B 87 32.76 -23.64 14.83
C LYS B 87 31.70 -23.11 13.86
N LEU B 88 31.20 -21.90 14.10
CA LEU B 88 30.12 -21.38 13.26
C LEU B 88 30.65 -20.83 11.93
N ILE B 89 31.90 -20.36 11.90
CA ILE B 89 32.51 -20.04 10.61
C ILE B 89 32.64 -21.32 9.76
N ASP B 90 33.06 -22.42 10.40
CA ASP B 90 33.25 -23.67 9.65
C ASP B 90 31.91 -24.21 9.15
N ASP B 91 30.86 -24.13 9.96
CA ASP B 91 29.56 -24.63 9.51
C ASP B 91 29.05 -23.82 8.32
N PHE B 92 29.24 -22.50 8.36
CA PHE B 92 28.92 -21.66 7.20
C PHE B 92 29.67 -22.13 5.96
N ALA B 93 30.98 -22.36 6.11
CA ALA B 93 31.81 -22.80 4.99
C ALA B 93 31.36 -24.16 4.46
N ILE B 94 30.99 -25.08 5.34
CA ILE B 94 30.50 -26.38 4.91
C ILE B 94 29.20 -26.23 4.11
N GLU B 95 28.26 -25.42 4.62
CA GLU B 95 27.02 -25.26 3.85
C GLU B 95 27.28 -24.61 2.51
N LEU B 96 28.27 -23.71 2.43
CA LEU B 96 28.63 -23.13 1.14
C LEU B 96 29.20 -24.19 0.19
N ASP B 97 30.05 -25.08 0.73
CA ASP B 97 30.62 -26.15 -0.08
C ASP B 97 29.53 -27.03 -0.69
N GLN B 98 28.45 -27.28 0.07
CA GLN B 98 27.38 -28.15 -0.42
C GLN B 98 26.64 -27.55 -1.59
N ALA B 99 26.64 -26.22 -1.73
CA ALA B 99 25.96 -25.56 -2.84
C ALA B 99 26.81 -25.70 -4.10
N VAL B 100 26.28 -26.42 -5.10
CA VAL B 100 26.89 -26.48 -6.43
C VAL B 100 26.15 -25.49 -7.30
N ASP B 101 26.84 -24.96 -8.33
CA ASP B 101 26.20 -23.98 -9.19
C ASP B 101 25.00 -24.60 -9.87
N ASN B 102 23.90 -23.83 -9.90
CA ASN B 102 22.58 -24.18 -10.44
C ASN B 102 21.82 -25.15 -9.54
N ASP B 103 22.37 -25.57 -8.40
CA ASP B 103 21.63 -26.31 -7.39
C ASP B 103 21.38 -25.38 -6.21
N VAL B 104 20.11 -25.14 -5.92
CA VAL B 104 19.68 -24.27 -4.84
C VAL B 104 19.12 -25.04 -3.66
N SER B 105 19.25 -26.38 -3.67
CA SER B 105 18.65 -27.19 -2.62
C SER B 105 19.20 -26.86 -1.23
N ASN B 106 20.40 -26.29 -1.15
CA ASN B 106 20.99 -25.98 0.15
C ASN B 106 20.85 -24.51 0.50
N ALA B 107 20.02 -23.76 -0.22
CA ALA B 107 19.99 -22.31 -0.09
C ALA B 107 19.60 -21.86 1.32
N ARG B 108 18.52 -22.45 1.88
CA ARG B 108 18.08 -22.04 3.22
C ARG B 108 19.15 -22.35 4.26
N HIS B 109 19.86 -23.47 4.11
CA HIS B 109 20.94 -23.79 5.05
C HIS B 109 22.05 -22.73 5.01
N VAL B 110 22.38 -22.24 3.81
CA VAL B 110 23.37 -21.17 3.69
C VAL B 110 22.88 -19.91 4.39
N ALA B 111 21.63 -19.53 4.16
CA ALA B 111 21.10 -18.33 4.79
C ALA B 111 21.06 -18.48 6.32
N ASP B 112 20.60 -19.63 6.81
CA ASP B 112 20.51 -19.84 8.25
C ASP B 112 21.90 -19.83 8.89
N SER B 113 22.86 -20.50 8.25
CA SER B 113 24.24 -20.55 8.78
C SER B 113 24.84 -19.16 8.83
N TYR B 114 24.62 -18.36 7.78
CA TYR B 114 25.09 -16.97 7.77
C TYR B 114 24.48 -16.18 8.93
N LYS B 115 23.17 -16.34 9.16
CA LYS B 115 22.53 -15.52 10.20
C LYS B 115 23.04 -15.90 11.58
N LYS B 116 23.20 -17.20 11.86
CA LYS B 116 23.76 -17.63 13.15
C LYS B 116 25.18 -17.10 13.33
N LEU B 117 25.99 -17.19 12.28
CA LEU B 117 27.36 -16.68 12.35
C LEU B 117 27.38 -15.17 12.60
N ARG B 118 26.53 -14.42 11.90
CA ARG B 118 26.48 -12.97 12.08
C ARG B 118 26.17 -12.60 13.54
N LYS B 119 25.21 -13.27 14.15
CA LYS B 119 24.92 -13.01 15.56
C LYS B 119 26.10 -13.41 16.45
N SER B 120 26.74 -14.55 16.15
CA SER B 120 27.84 -15.01 16.99
C SER B 120 29.04 -14.07 16.94
N VAL B 121 29.20 -13.34 15.83
CA VAL B 121 30.25 -12.32 15.77
C VAL B 121 30.04 -11.31 16.90
N VAL B 122 28.80 -10.85 17.06
CA VAL B 122 28.50 -9.87 18.10
C VAL B 122 28.74 -10.49 19.48
N LEU B 123 28.25 -11.72 19.67
CA LEU B 123 28.46 -12.42 20.93
C LEU B 123 29.94 -12.61 21.24
N ALA B 124 30.78 -12.71 20.21
CA ALA B 124 32.21 -12.93 20.43
C ALA B 124 32.89 -11.65 20.91
N TYR B 125 32.43 -10.50 20.43
CA TYR B 125 32.88 -9.24 21.00
C TYR B 125 32.53 -9.15 22.48
N ILE B 126 31.28 -9.47 22.83
CA ILE B 126 30.85 -9.45 24.22
C ILE B 126 31.71 -10.42 25.02
N GLU B 127 31.91 -11.63 24.51
CA GLU B 127 32.70 -12.62 25.24
C GLU B 127 34.13 -12.14 25.47
N SER B 128 34.72 -11.48 24.48
CA SER B 128 36.07 -10.92 24.66
C SER B 128 36.08 -9.88 25.76
N PHE B 129 35.09 -8.98 25.76
CA PHE B 129 35.01 -8.01 26.86
C PHE B 129 34.82 -8.72 28.20
N ASP B 130 34.01 -9.78 28.21
CA ASP B 130 33.79 -10.55 29.42
C ASP B 130 35.10 -11.13 29.96
N VAL B 131 35.92 -11.71 29.07
CA VAL B 131 37.20 -12.29 29.47
C VAL B 131 38.10 -11.23 30.11
N ILE B 132 38.18 -10.06 29.48
CA ILE B 132 39.07 -9.00 29.96
C ILE B 132 38.57 -8.43 31.28
N SER B 133 37.29 -8.05 31.34
CA SER B 133 36.77 -7.40 32.54
C SER B 133 36.75 -8.36 33.73
N SER B 134 36.64 -9.67 33.48
CA SER B 134 36.68 -10.66 34.55
C SER B 134 38.02 -10.69 35.28
N LYS B 135 39.08 -10.25 34.62
CA LYS B 135 40.40 -10.26 35.24
C LYS B 135 40.66 -9.07 36.14
N PHE B 136 39.74 -8.10 36.19
CA PHE B 136 39.91 -6.93 37.05
C PHE B 136 39.82 -7.31 38.53
N VAL B 137 40.57 -6.59 39.36
CA VAL B 137 40.55 -6.86 40.79
C VAL B 137 39.36 -6.21 41.46
N ASP B 138 39.00 -5.00 41.03
CA ASP B 138 37.92 -4.26 41.68
C ASP B 138 36.59 -5.00 41.53
N SER B 139 36.01 -5.40 42.67
CA SER B 139 34.79 -6.19 42.68
C SER B 139 33.60 -5.40 42.14
N LYS B 140 33.53 -4.10 42.44
CA LYS B 140 32.44 -3.29 41.92
C LYS B 140 32.45 -3.26 40.39
N PHE B 141 33.62 -3.08 39.79
CA PHE B 141 33.72 -3.09 38.34
C PHE B 141 33.45 -4.49 37.78
N VAL B 142 33.97 -5.53 38.44
CA VAL B 142 33.72 -6.90 37.97
C VAL B 142 32.23 -7.19 37.96
N GLU B 143 31.53 -6.82 39.04
CA GLU B 143 30.10 -7.07 39.12
C GLU B 143 29.35 -6.27 38.06
N ALA B 144 29.71 -5.00 37.89
CA ALA B 144 29.02 -4.18 36.91
C ALA B 144 29.30 -4.65 35.48
N SER B 145 30.49 -5.18 35.22
CA SER B 145 30.80 -5.74 33.90
C SER B 145 29.93 -6.94 33.61
N LYS B 146 29.73 -7.81 34.61
CA LYS B 146 28.91 -9.00 34.41
C LYS B 146 27.46 -8.65 34.06
N LYS B 147 26.91 -7.63 34.73
CA LYS B 147 25.56 -7.19 34.40
C LYS B 147 25.51 -6.56 33.01
N PHE B 148 26.53 -5.79 32.66
CA PHE B 148 26.62 -5.22 31.31
C PHE B 148 26.66 -6.32 30.27
N VAL B 149 27.46 -7.36 30.51
CA VAL B 149 27.53 -8.49 29.58
C VAL B 149 26.16 -9.14 29.40
N ASN B 150 25.45 -9.37 30.50
CA ASN B 150 24.19 -10.10 30.39
C ASN B 150 23.11 -9.26 29.72
N LYS B 151 23.07 -7.95 30.00
CA LYS B 151 22.12 -7.10 29.31
C LYS B 151 22.48 -6.96 27.83
N ALA B 152 23.78 -6.94 27.50
CA ALA B 152 24.20 -6.88 26.11
C ALA B 152 23.74 -8.12 25.35
N LYS B 153 23.93 -9.30 25.93
CA LYS B 153 23.52 -10.54 25.27
C LYS B 153 22.01 -10.57 25.03
N GLU B 154 21.22 -10.05 25.96
CA GLU B 154 19.78 -10.02 25.74
C GLU B 154 19.43 -9.07 24.60
N PHE B 155 20.15 -7.94 24.51
CA PHE B 155 20.00 -7.00 23.38
C PHE B 155 20.31 -7.71 22.04
N VAL B 156 21.42 -8.46 21.98
CA VAL B 156 21.81 -9.17 20.75
C VAL B 156 20.71 -10.10 20.29
N GLU B 157 20.06 -10.80 21.22
CA GLU B 157 18.99 -11.70 20.82
C GLU B 157 17.82 -10.94 20.21
N GLU B 158 17.64 -9.66 20.58
CA GLU B 158 16.59 -8.87 19.96
C GLU B 158 16.99 -8.37 18.58
N ASN B 159 18.19 -7.79 18.45
CA ASN B 159 18.68 -7.36 17.14
C ASN B 159 20.19 -7.29 17.19
N ASP B 160 20.86 -8.15 16.42
CA ASP B 160 22.30 -8.32 16.63
C ASP B 160 23.08 -7.07 16.25
N LEU B 161 22.78 -6.46 15.09
CA LEU B 161 23.60 -5.37 14.59
C LEU B 161 23.39 -4.08 15.37
N ILE B 162 22.15 -3.78 15.75
CA ILE B 162 21.90 -2.60 16.56
C ILE B 162 22.57 -2.73 17.92
N ALA B 163 22.44 -3.91 18.54
CA ALA B 163 23.12 -4.16 19.80
C ALA B 163 24.62 -3.94 19.67
N LEU B 164 25.22 -4.47 18.59
CA LEU B 164 26.67 -4.30 18.42
C LEU B 164 27.03 -2.82 18.30
N GLU B 165 26.27 -2.06 17.51
CA GLU B 165 26.55 -0.63 17.39
C GLU B 165 26.51 0.05 18.76
N CYS B 166 25.49 -0.26 19.57
CA CYS B 166 25.40 0.35 20.89
C CYS B 166 26.54 -0.09 21.80
N ILE B 167 26.90 -1.38 21.77
CA ILE B 167 27.98 -1.88 22.62
C ILE B 167 29.31 -1.24 22.25
N VAL B 168 29.64 -1.22 20.96
CA VAL B 168 30.91 -0.68 20.51
C VAL B 168 31.00 0.81 20.86
N LYS B 169 29.90 1.54 20.65
CA LYS B 169 29.90 2.96 20.94
C LYS B 169 30.05 3.23 22.43
N THR B 170 29.32 2.48 23.26
CA THR B 170 29.32 2.77 24.69
CA THR B 170 29.31 2.72 24.71
C THR B 170 30.69 2.43 25.34
N ILE B 171 31.25 1.27 25.02
CA ILE B 171 32.55 0.94 25.60
C ILE B 171 33.64 1.84 25.02
N GLY B 172 33.51 2.22 23.75
CA GLY B 172 34.46 3.17 23.17
C GLY B 172 34.44 4.51 23.87
N ASP B 173 33.23 5.03 24.14
CA ASP B 173 33.10 6.27 24.89
C ASP B 173 33.72 6.15 26.27
N MET B 174 33.44 5.04 26.96
CA MET B 174 33.90 4.87 28.34
C MET B 174 35.43 4.90 28.41
N VAL B 175 36.12 4.13 27.58
CA VAL B 175 37.58 4.05 27.70
C VAL B 175 38.29 5.23 27.04
N ASN B 176 37.56 6.07 26.30
CA ASN B 176 38.11 7.33 25.81
C ASN B 176 37.67 8.52 26.65
N ASP B 177 37.11 8.26 27.84
CA ASP B 177 36.75 9.31 28.80
C ASP B 177 35.72 10.28 28.23
N ARG B 178 34.80 9.76 27.40
CA ARG B 178 33.65 10.51 26.92
C ARG B 178 32.43 10.10 27.71
N GLU B 179 31.58 11.07 28.07
CA GLU B 179 30.38 10.72 28.84
C GLU B 179 29.50 9.78 28.02
N ILE B 180 29.07 8.69 28.65
CA ILE B 180 28.20 7.73 27.98
C ILE B 180 26.86 8.38 27.70
N ASN B 181 26.35 8.16 26.48
CA ASN B 181 25.03 8.63 26.10
C ASN B 181 23.99 7.64 26.60
N SER B 182 23.23 8.03 27.61
CA SER B 182 22.33 7.09 28.29
C SER B 182 20.91 7.10 27.75
N ARG B 183 20.62 7.84 26.69
CA ARG B 183 19.27 7.81 26.17
C ARG B 183 19.18 6.87 24.96
N SER B 184 18.00 6.27 24.80
CA SER B 184 17.76 5.41 23.64
C SER B 184 17.96 6.20 22.36
N ARG B 185 18.79 5.66 21.46
CA ARG B 185 19.00 6.27 20.16
C ARG B 185 18.19 5.62 19.04
N TYR B 186 17.41 4.58 19.35
CA TYR B 186 16.61 3.86 18.35
C TYR B 186 15.15 3.80 18.75
N ASN B 187 14.60 4.93 19.22
CA ASN B 187 13.16 5.17 19.34
C ASN B 187 12.51 4.37 20.47
N ASN B 188 13.31 3.71 21.32
CA ASN B 188 12.82 2.66 22.22
C ASN B 188 12.08 1.56 21.47
N PHE B 189 12.34 1.45 20.16
CA PHE B 189 11.79 0.35 19.38
C PHE B 189 12.36 -1.00 19.84
N TYR B 190 13.65 -1.04 20.15
CA TYR B 190 14.29 -2.21 20.72
C TYR B 190 14.13 -2.16 22.24
N LYS B 191 13.32 -3.07 22.78
CA LYS B 191 12.96 -3.05 24.19
C LYS B 191 14.15 -3.30 25.10
N LYS B 192 15.18 -3.98 24.61
CA LYS B 192 16.35 -4.27 25.43
C LYS B 192 17.36 -3.14 25.48
N GLU B 193 17.17 -2.06 24.70
CA GLU B 193 18.16 -0.98 24.71
C GLU B 193 18.20 -0.29 26.06
N ALA B 194 17.04 -0.08 26.69
CA ALA B 194 16.98 0.71 27.92
C ALA B 194 17.74 0.03 29.06
N ASP B 195 17.54 -1.27 29.24
CA ASP B 195 18.25 -1.96 30.32
C ASP B 195 19.74 -2.10 30.01
N PHE B 196 20.10 -2.24 28.74
CA PHE B 196 21.53 -2.19 28.39
C PHE B 196 22.14 -0.87 28.82
N LEU B 197 21.50 0.25 28.46
CA LEU B 197 22.11 1.55 28.74
C LEU B 197 22.14 1.84 30.24
N GLY B 198 21.15 1.37 30.99
CA GLY B 198 21.21 1.47 32.44
C GLY B 198 22.42 0.74 33.01
N ALA B 199 22.66 -0.50 32.55
CA ALA B 199 23.83 -1.22 32.99
C ALA B 199 25.11 -0.53 32.54
N ALA B 200 25.07 0.15 31.39
CA ALA B 200 26.24 0.89 30.90
C ALA B 200 26.56 2.09 31.80
N VAL B 201 25.53 2.75 32.32
CA VAL B 201 25.76 3.88 33.22
C VAL B 201 26.42 3.39 34.51
N GLU B 202 25.95 2.26 35.03
CA GLU B 202 26.54 1.73 36.26
C GLU B 202 27.96 1.25 36.04
N LEU B 203 28.24 0.64 34.87
CA LEU B 203 29.61 0.28 34.56
C LEU B 203 30.49 1.52 34.47
N GLU B 204 29.96 2.60 33.89
CA GLU B 204 30.72 3.83 33.76
C GLU B 204 31.10 4.38 35.14
N GLY B 205 30.16 4.37 36.08
CA GLY B 205 30.47 4.83 37.42
C GLY B 205 31.58 4.01 38.05
N ALA B 206 31.51 2.69 37.89
CA ALA B 206 32.53 1.80 38.44
C ALA B 206 33.88 2.02 37.77
N TYR B 207 33.88 2.19 36.44
CA TYR B 207 35.13 2.44 35.73
C TYR B 207 35.81 3.72 36.20
N LYS B 208 35.04 4.79 36.41
CA LYS B 208 35.62 6.06 36.83
C LYS B 208 36.16 5.99 38.25
N ALA B 209 35.55 5.20 39.13
CA ALA B 209 36.09 5.02 40.47
C ALA B 209 37.45 4.32 40.46
N ILE B 210 37.67 3.44 39.47
CA ILE B 210 38.99 2.84 39.29
C ILE B 210 39.96 3.87 38.73
N LYS B 211 39.58 4.47 37.60
CA LYS B 211 40.42 5.42 36.86
C LYS B 211 40.94 6.53 37.77
N GLN B 212 40.14 6.95 38.75
CA GLN B 212 40.57 7.95 39.72
C GLN B 212 41.73 7.41 40.55
N MET C 3 -51.03 13.99 -36.93
CA MET C 3 -49.74 13.33 -36.82
C MET C 3 -48.95 13.89 -35.64
N ASN C 4 -49.23 15.14 -35.29
CA ASN C 4 -48.62 15.73 -34.09
C ASN C 4 -48.88 14.88 -32.86
N GLN C 5 -50.13 14.40 -32.70
CA GLN C 5 -50.48 13.64 -31.51
C GLN C 5 -49.84 12.26 -31.52
N ARG C 6 -49.71 11.65 -32.70
CA ARG C 6 -49.04 10.35 -32.78
C ARG C 6 -47.59 10.47 -32.33
N ASN C 7 -46.91 11.55 -32.72
CA ASN C 7 -45.54 11.78 -32.26
C ASN C 7 -45.51 11.92 -30.74
N ILE C 8 -46.36 12.77 -30.19
CA ILE C 8 -46.39 13.03 -28.74
C ILE C 8 -46.70 11.74 -27.97
N ASN C 9 -47.59 10.90 -28.49
CA ASN C 9 -47.93 9.66 -27.79
C ASN C 9 -46.76 8.68 -27.79
N GLU C 10 -46.01 8.60 -28.89
CA GLU C 10 -44.81 7.76 -28.92
C GLU C 10 -43.80 8.23 -27.89
N LEU C 11 -43.55 9.55 -27.83
CA LEU C 11 -42.69 10.09 -26.79
C LEU C 11 -43.23 9.77 -25.40
N LYS C 12 -44.52 9.97 -25.18
CA LYS C 12 -45.08 9.75 -23.86
C LYS C 12 -44.92 8.29 -23.42
N ILE C 13 -45.11 7.34 -24.34
CA ILE C 13 -44.96 5.92 -24.00
C ILE C 13 -43.53 5.64 -23.53
N PHE C 14 -42.54 6.10 -24.29
CA PHE C 14 -41.14 5.88 -23.90
C PHE C 14 -40.84 6.47 -22.54
N VAL C 15 -41.26 7.72 -22.32
CA VAL C 15 -40.92 8.40 -21.07
C VAL C 15 -41.51 7.66 -19.87
N GLU C 16 -42.75 7.19 -20.01
CA GLU C 16 -43.35 6.45 -18.90
C GLU C 16 -42.64 5.11 -18.69
N LYS C 17 -42.30 4.42 -19.79
CA LYS C 17 -41.62 3.14 -19.68
C LYS C 17 -40.27 3.27 -19.00
N ALA C 18 -39.56 4.39 -19.24
CA ALA C 18 -38.22 4.62 -18.71
C ALA C 18 -38.21 5.52 -17.48
N LYS C 19 -39.36 5.71 -16.82
CA LYS C 19 -39.42 6.72 -15.77
C LYS C 19 -38.54 6.38 -14.57
N TYR C 20 -38.15 5.11 -14.40
CA TYR C 20 -37.27 4.70 -13.31
C TYR C 20 -35.82 4.54 -13.75
N TYR C 21 -35.48 4.98 -14.96
CA TYR C 21 -34.14 4.74 -15.50
C TYR C 21 -33.05 5.30 -14.58
N SER C 22 -33.24 6.54 -14.11
CA SER C 22 -32.24 7.20 -13.25
C SER C 22 -32.20 6.59 -11.85
N ILE C 23 -33.37 6.27 -11.30
CA ILE C 23 -33.44 5.62 -9.99
C ILE C 23 -32.68 4.29 -10.02
N LYS C 24 -32.91 3.50 -11.05
CA LYS C 24 -32.29 2.18 -11.15
C LYS C 24 -30.79 2.26 -11.40
N LEU C 25 -30.33 3.25 -12.19
CA LEU C 25 -28.89 3.37 -12.37
C LEU C 25 -28.22 3.92 -11.12
N ASP C 26 -28.92 4.80 -10.38
CA ASP C 26 -28.41 5.25 -9.09
C ASP C 26 -28.24 4.07 -8.14
N ALA C 27 -29.16 3.10 -8.20
CA ALA C 27 -29.06 1.95 -7.30
C ALA C 27 -27.83 1.11 -7.62
N ILE C 28 -27.51 0.94 -8.91
CA ILE C 28 -26.26 0.27 -9.27
C ILE C 28 -25.05 1.05 -8.74
N TYR C 29 -25.03 2.36 -8.96
CA TYR C 29 -23.92 3.18 -8.50
C TYR C 29 -23.74 3.08 -6.99
N ASN C 30 -24.85 3.13 -6.24
CA ASN C 30 -24.75 3.15 -4.79
C ASN C 30 -24.16 1.84 -4.26
N GLU C 31 -24.55 0.71 -4.85
CA GLU C 31 -24.03 -0.58 -4.41
C GLU C 31 -22.56 -0.77 -4.79
N CYS C 32 -22.11 -0.12 -5.85
CA CYS C 32 -20.79 -0.40 -6.39
C CYS C 32 -19.71 0.63 -6.03
N THR C 33 -20.08 1.80 -5.51
CA THR C 33 -19.11 2.88 -5.45
C THR C 33 -18.00 2.60 -4.45
N GLY C 34 -18.33 2.02 -3.29
CA GLY C 34 -17.28 1.64 -2.35
C GLY C 34 -16.31 0.62 -2.93
N ALA C 35 -16.84 -0.35 -3.69
CA ALA C 35 -15.99 -1.35 -4.33
C ALA C 35 -15.12 -0.71 -5.41
N TYR C 36 -15.72 0.15 -6.24
CA TYR C 36 -14.97 0.93 -7.22
C TYR C 36 -13.85 1.73 -6.55
N ASN C 37 -14.17 2.39 -5.42
CA ASN C 37 -13.19 3.19 -4.69
C ASN C 37 -12.05 2.33 -4.16
N ASP C 38 -12.36 1.14 -3.63
CA ASP C 38 -11.30 0.27 -3.13
C ASP C 38 -10.36 -0.16 -4.26
N ILE C 39 -10.92 -0.50 -5.43
CA ILE C 39 -10.09 -0.91 -6.56
C ILE C 39 -9.20 0.24 -7.01
N MET C 40 -9.78 1.44 -7.15
CA MET C 40 -9.01 2.58 -7.61
C MET C 40 -7.93 2.94 -6.59
N THR C 41 -8.24 2.82 -5.30
CA THR C 41 -7.26 3.11 -4.24
C THR C 41 -6.05 2.19 -4.36
N TYR C 42 -6.31 0.89 -4.55
CA TYR C 42 -5.26 -0.12 -4.71
C TYR C 42 -4.48 0.09 -6.01
N SER C 43 -5.19 0.40 -7.10
CA SER C 43 -4.54 0.50 -8.40
C SER C 43 -3.72 1.78 -8.52
N GLU C 44 -4.19 2.88 -7.93
CA GLU C 44 -3.54 4.17 -8.11
C GLU C 44 -2.45 4.46 -7.08
N GLY C 45 -2.55 3.93 -5.87
CA GLY C 45 -1.60 4.29 -4.82
C GLY C 45 -0.88 3.10 -4.21
N THR C 46 -0.31 3.26 -3.02
CA THR C 46 0.44 2.17 -2.39
C THR C 46 -0.43 1.20 -1.59
N PHE C 47 -1.70 1.51 -1.34
CA PHE C 47 -2.61 0.58 -0.68
C PHE C 47 -2.48 -0.81 -1.30
N SER C 48 -2.35 -1.84 -0.46
CA SER C 48 -1.92 -3.15 -0.93
C SER C 48 -2.75 -4.32 -0.40
N ASP C 49 -3.90 -4.06 0.22
CA ASP C 49 -4.70 -5.12 0.83
C ASP C 49 -5.47 -5.87 -0.25
N GLN C 50 -4.95 -7.05 -0.62
CA GLN C 50 -5.53 -7.78 -1.72
C GLN C 50 -6.85 -8.42 -1.33
N SER C 51 -7.00 -8.80 -0.06
CA SER C 51 -8.26 -9.35 0.41
C SER C 51 -9.40 -8.35 0.22
N LYS C 52 -9.14 -7.08 0.52
CA LYS C 52 -10.13 -6.03 0.34
C LYS C 52 -10.50 -5.87 -1.13
N VAL C 53 -9.51 -5.96 -2.03
CA VAL C 53 -9.80 -5.80 -3.45
C VAL C 53 -10.56 -7.01 -3.97
N ASN C 54 -10.25 -8.21 -3.47
CA ASN C 54 -11.05 -9.38 -3.81
C ASN C 54 -12.51 -9.20 -3.40
N GLN C 55 -12.76 -8.64 -2.20
CA GLN C 55 -14.13 -8.35 -1.79
C GLN C 55 -14.78 -7.33 -2.71
N ALA C 56 -14.00 -6.35 -3.19
CA ALA C 56 -14.56 -5.36 -4.11
C ALA C 56 -15.01 -6.04 -5.40
N ILE C 57 -14.17 -6.91 -5.96
CA ILE C 57 -14.53 -7.58 -7.21
C ILE C 57 -15.77 -8.44 -7.00
N SER C 58 -15.89 -9.03 -5.80
CA SER C 58 -17.05 -9.87 -5.51
C SER C 58 -18.35 -9.07 -5.56
N ILE C 59 -18.31 -7.79 -5.16
CA ILE C 59 -19.50 -6.94 -5.25
C ILE C 59 -19.99 -6.85 -6.69
N PHE C 60 -19.07 -6.70 -7.64
CA PHE C 60 -19.47 -6.60 -9.04
C PHE C 60 -19.93 -7.93 -9.62
N LYS C 61 -19.50 -9.05 -9.02
CA LYS C 61 -19.65 -10.37 -9.61
C LYS C 61 -20.71 -11.25 -8.94
N LYS C 62 -20.94 -11.09 -7.64
CA LYS C 62 -21.74 -12.06 -6.90
C LYS C 62 -23.14 -12.19 -7.50
N ASP C 63 -23.58 -13.44 -7.70
CA ASP C 63 -24.91 -13.77 -8.20
C ASP C 63 -25.22 -13.12 -9.54
N ASN C 64 -24.18 -12.68 -10.26
CA ASN C 64 -24.32 -11.98 -11.53
C ASN C 64 -25.29 -10.80 -11.41
N LYS C 65 -25.41 -10.23 -10.21
CA LYS C 65 -26.48 -9.28 -9.96
C LYS C 65 -26.27 -7.99 -10.75
N ILE C 66 -25.07 -7.43 -10.69
CA ILE C 66 -24.81 -6.14 -11.33
C ILE C 66 -24.95 -6.24 -12.85
N VAL C 67 -24.39 -7.30 -13.44
CA VAL C 67 -24.55 -7.49 -14.88
C VAL C 67 -26.03 -7.56 -15.24
N ASN C 68 -26.81 -8.32 -14.47
CA ASN C 68 -28.22 -8.44 -14.82
C ASN C 68 -29.02 -7.18 -14.50
N LYS C 69 -28.57 -6.33 -13.57
CA LYS C 69 -29.21 -5.03 -13.39
C LYS C 69 -28.94 -4.13 -14.59
N PHE C 70 -27.74 -4.22 -15.17
CA PHE C 70 -27.47 -3.49 -16.40
C PHE C 70 -28.32 -4.02 -17.55
N LYS C 71 -28.54 -5.34 -17.59
CA LYS C 71 -29.37 -5.90 -18.66
C LYS C 71 -30.82 -5.46 -18.53
N GLU C 72 -31.28 -5.23 -17.30
CA GLU C 72 -32.62 -4.69 -17.10
C GLU C 72 -32.77 -3.32 -17.75
N LEU C 73 -31.77 -2.45 -17.58
CA LEU C 73 -31.82 -1.14 -18.20
C LEU C 73 -31.71 -1.25 -19.72
N GLU C 74 -30.89 -2.20 -20.19
CA GLU C 74 -30.79 -2.44 -21.63
C GLU C 74 -32.15 -2.77 -22.22
N LYS C 75 -32.96 -3.55 -21.51
CA LYS C 75 -34.30 -3.92 -21.99
C LYS C 75 -35.15 -2.68 -22.25
N ILE C 76 -35.00 -1.64 -21.42
CA ILE C 76 -35.87 -0.48 -21.53
C ILE C 76 -35.62 0.28 -22.82
N ILE C 77 -34.36 0.34 -23.27
CA ILE C 77 -34.02 1.15 -24.43
C ILE C 77 -33.84 0.31 -25.70
N GLU C 78 -33.91 -1.02 -25.60
CA GLU C 78 -33.61 -1.89 -26.74
C GLU C 78 -34.54 -1.65 -27.92
N GLU C 79 -35.79 -1.27 -27.66
CA GLU C 79 -36.71 -0.96 -28.75
C GLU C 79 -36.20 0.19 -29.60
N TYR C 80 -35.53 1.17 -28.98
CA TYR C 80 -35.15 2.39 -29.68
C TYR C 80 -33.70 2.42 -30.12
N LYS C 81 -32.80 1.79 -29.37
CA LYS C 81 -31.37 1.73 -29.70
C LYS C 81 -30.92 0.28 -29.59
N PRO C 82 -31.31 -0.58 -30.55
CA PRO C 82 -31.20 -2.04 -30.34
C PRO C 82 -29.86 -2.55 -29.84
N MET C 83 -28.75 -2.25 -30.49
CA MET C 83 -27.48 -2.83 -30.06
C MET C 83 -26.53 -1.80 -29.45
N PHE C 84 -27.06 -0.68 -28.94
CA PHE C 84 -26.22 0.40 -28.43
C PHE C 84 -25.32 -0.07 -27.28
N LEU C 85 -25.85 -0.90 -26.39
CA LEU C 85 -25.12 -1.32 -25.19
C LEU C 85 -24.51 -2.70 -25.30
N SER C 86 -24.71 -3.40 -26.43
CA SER C 86 -24.37 -4.82 -26.51
C SER C 86 -22.90 -5.08 -26.26
N LYS C 87 -22.02 -4.39 -26.99
CA LYS C 87 -20.58 -4.66 -26.85
C LYS C 87 -20.08 -4.32 -25.46
N LEU C 88 -20.61 -3.24 -24.86
CA LEU C 88 -20.10 -2.81 -23.56
C LEU C 88 -20.57 -3.72 -22.43
N ILE C 89 -21.79 -4.25 -22.52
CA ILE C 89 -22.20 -5.24 -21.53
C ILE C 89 -21.38 -6.52 -21.70
N ASP C 90 -21.20 -6.97 -22.95
CA ASP C 90 -20.37 -8.14 -23.22
C ASP C 90 -18.95 -7.96 -22.69
N ASP C 91 -18.34 -6.81 -22.96
CA ASP C 91 -16.98 -6.56 -22.46
C ASP C 91 -16.93 -6.62 -20.94
N PHE C 92 -17.92 -6.03 -20.27
CA PHE C 92 -17.92 -6.01 -18.81
C PHE C 92 -18.08 -7.43 -18.26
N ALA C 93 -18.99 -8.21 -18.84
CA ALA C 93 -19.18 -9.59 -18.40
C ALA C 93 -17.91 -10.41 -18.61
N ILE C 94 -17.20 -10.18 -19.71
CA ILE C 94 -15.96 -10.90 -19.97
C ILE C 94 -14.90 -10.53 -18.95
N GLU C 95 -14.77 -9.23 -18.61
CA GLU C 95 -13.77 -8.83 -17.62
C GLU C 95 -14.05 -9.47 -16.28
N LEU C 96 -15.32 -9.59 -15.91
CA LEU C 96 -15.65 -10.23 -14.63
C LEU C 96 -15.36 -11.72 -14.66
N ASP C 97 -15.57 -12.36 -15.82
CA ASP C 97 -15.25 -13.78 -15.94
C ASP C 97 -13.75 -14.02 -15.88
N GLN C 98 -12.94 -13.07 -16.34
CA GLN C 98 -11.50 -13.22 -16.31
C GLN C 98 -10.91 -12.99 -14.92
N ALA C 99 -11.70 -12.52 -13.96
CA ALA C 99 -11.23 -12.30 -12.59
C ALA C 99 -11.61 -13.53 -11.77
N VAL C 100 -10.70 -14.50 -11.73
CA VAL C 100 -10.95 -15.75 -11.01
C VAL C 100 -10.74 -15.51 -9.51
N ASP C 101 -11.49 -16.25 -8.70
CA ASP C 101 -11.54 -16.02 -7.26
C ASP C 101 -10.15 -15.92 -6.63
N ASN C 102 -9.99 -14.92 -5.76
CA ASN C 102 -8.76 -14.64 -5.02
C ASN C 102 -7.59 -14.21 -5.90
N ASP C 103 -7.87 -13.83 -7.14
CA ASP C 103 -6.88 -13.21 -8.02
C ASP C 103 -7.34 -11.80 -8.34
N VAL C 104 -6.54 -10.79 -7.99
CA VAL C 104 -6.94 -9.41 -8.16
C VAL C 104 -6.20 -8.73 -9.30
N SER C 105 -5.49 -9.50 -10.14
CA SER C 105 -4.73 -8.91 -11.24
C SER C 105 -5.60 -8.16 -12.25
N ASN C 106 -6.89 -8.47 -12.34
CA ASN C 106 -7.77 -7.85 -13.30
C ASN C 106 -8.63 -6.74 -12.70
N ALA C 107 -8.36 -6.36 -11.44
CA ALA C 107 -9.22 -5.43 -10.71
C ALA C 107 -9.46 -4.13 -11.47
N ARG C 108 -8.38 -3.47 -11.92
CA ARG C 108 -8.53 -2.15 -12.55
C ARG C 108 -9.33 -2.25 -13.85
N HIS C 109 -9.13 -3.33 -14.62
CA HIS C 109 -9.90 -3.51 -15.84
C HIS C 109 -11.39 -3.67 -15.55
N VAL C 110 -11.72 -4.33 -14.43
CA VAL C 110 -13.12 -4.46 -14.06
C VAL C 110 -13.72 -3.11 -13.74
N ALA C 111 -13.01 -2.31 -12.93
CA ALA C 111 -13.50 -0.97 -12.60
C ALA C 111 -13.63 -0.10 -13.85
N ASP C 112 -12.64 -0.16 -14.74
CA ASP C 112 -12.68 0.69 -15.94
C ASP C 112 -13.83 0.28 -16.84
N SER C 113 -14.03 -1.03 -17.00
CA SER C 113 -15.12 -1.52 -17.83
C SER C 113 -16.47 -1.10 -17.28
N TYR C 114 -16.62 -1.19 -15.96
CA TYR C 114 -17.85 -0.76 -15.29
C TYR C 114 -18.13 0.72 -15.57
N LYS C 115 -17.11 1.57 -15.44
CA LYS C 115 -17.32 3.01 -15.62
C LYS C 115 -17.71 3.33 -17.05
N LYS C 116 -17.05 2.71 -18.03
CA LYS C 116 -17.41 2.95 -19.43
C LYS C 116 -18.84 2.52 -19.70
N LEU C 117 -19.23 1.36 -19.17
CA LEU C 117 -20.59 0.87 -19.37
C LEU C 117 -21.61 1.81 -18.74
N ARG C 118 -21.33 2.27 -17.52
CA ARG C 118 -22.25 3.17 -16.82
C ARG C 118 -22.49 4.45 -17.62
N LYS C 119 -21.44 5.00 -18.23
CA LYS C 119 -21.64 6.22 -19.02
C LYS C 119 -22.51 5.95 -20.24
N SER C 120 -22.30 4.83 -20.91
CA SER C 120 -23.07 4.56 -22.12
C SER C 120 -24.52 4.24 -21.80
N VAL C 121 -24.78 3.64 -20.63
CA VAL C 121 -26.17 3.47 -20.19
C VAL C 121 -26.88 4.82 -20.13
N VAL C 122 -26.19 5.86 -19.63
CA VAL C 122 -26.79 7.20 -19.60
C VAL C 122 -27.02 7.69 -21.03
N LEU C 123 -26.01 7.58 -21.88
CA LEU C 123 -26.14 8.02 -23.27
C LEU C 123 -27.27 7.30 -24.00
N ALA C 124 -27.53 6.04 -23.65
CA ALA C 124 -28.60 5.30 -24.31
C ALA C 124 -29.97 5.95 -24.09
N TYR C 125 -30.21 6.53 -22.90
CA TYR C 125 -31.46 7.24 -22.69
C TYR C 125 -31.56 8.46 -23.61
N ILE C 126 -30.51 9.30 -23.66
CA ILE C 126 -30.61 10.49 -24.50
C ILE C 126 -30.62 10.12 -25.98
N GLU C 127 -29.95 9.03 -26.37
CA GLU C 127 -30.02 8.57 -27.75
C GLU C 127 -31.43 8.10 -28.11
N SER C 128 -32.10 7.45 -27.16
CA SER C 128 -33.49 7.03 -27.39
C SER C 128 -34.40 8.24 -27.58
N PHE C 129 -34.24 9.28 -26.75
CA PHE C 129 -35.01 10.50 -26.97
C PHE C 129 -34.68 11.10 -28.33
N ASP C 130 -33.41 11.10 -28.72
CA ASP C 130 -33.00 11.65 -30.00
C ASP C 130 -33.73 10.95 -31.15
N VAL C 131 -33.83 9.62 -31.08
CA VAL C 131 -34.49 8.87 -32.15
C VAL C 131 -35.95 9.26 -32.26
N ILE C 132 -36.66 9.30 -31.12
CA ILE C 132 -38.10 9.59 -31.14
C ILE C 132 -38.36 11.02 -31.59
N SER C 133 -37.69 11.99 -30.98
CA SER C 133 -37.97 13.39 -31.26
C SER C 133 -37.61 13.76 -32.68
N SER C 134 -36.58 13.11 -33.25
CA SER C 134 -36.13 13.40 -34.60
C SER C 134 -37.18 13.05 -35.64
N LYS C 135 -38.15 12.22 -35.30
CA LYS C 135 -39.22 11.87 -36.23
C LYS C 135 -40.39 12.86 -36.25
N PHE C 136 -40.40 13.86 -35.35
CA PHE C 136 -41.57 14.74 -35.23
C PHE C 136 -41.79 15.55 -36.50
N VAL C 137 -43.07 15.75 -36.87
CA VAL C 137 -43.36 16.59 -38.02
C VAL C 137 -43.25 18.07 -37.70
N ASP C 138 -43.37 18.46 -36.42
CA ASP C 138 -43.24 19.86 -36.04
C ASP C 138 -41.78 20.26 -36.11
N SER C 139 -41.44 21.10 -37.07
CA SER C 139 -40.05 21.44 -37.33
C SER C 139 -39.42 22.17 -36.16
N LYS C 140 -40.19 23.01 -35.48
CA LYS C 140 -39.65 23.75 -34.34
C LYS C 140 -39.27 22.80 -33.20
N PHE C 141 -40.08 21.77 -32.96
CA PHE C 141 -39.74 20.81 -31.91
C PHE C 141 -38.52 19.98 -32.28
N VAL C 142 -38.40 19.60 -33.55
CA VAL C 142 -37.23 18.83 -33.99
C VAL C 142 -35.97 19.66 -33.81
N GLU C 143 -36.04 20.95 -34.11
CA GLU C 143 -34.88 21.82 -33.94
C GLU C 143 -34.54 22.00 -32.45
N ALA C 144 -35.54 22.22 -31.60
CA ALA C 144 -35.28 22.35 -30.17
C ALA C 144 -34.73 21.05 -29.58
N SER C 145 -35.23 19.91 -30.05
CA SER C 145 -34.80 18.62 -29.51
C SER C 145 -33.36 18.35 -29.81
N LYS C 146 -32.90 18.73 -31.02
CA LYS C 146 -31.51 18.52 -31.38
C LYS C 146 -30.57 19.30 -30.47
N LYS C 147 -30.88 20.58 -30.24
CA LYS C 147 -30.06 21.39 -29.34
C LYS C 147 -30.08 20.82 -27.93
N PHE C 148 -31.24 20.30 -27.51
CA PHE C 148 -31.36 19.70 -26.20
C PHE C 148 -30.49 18.45 -26.08
N VAL C 149 -30.57 17.56 -27.08
CA VAL C 149 -29.73 16.38 -27.12
C VAL C 149 -28.25 16.75 -27.03
N ASN C 150 -27.84 17.78 -27.79
CA ASN C 150 -26.43 18.18 -27.79
C ASN C 150 -25.99 18.65 -26.42
N LYS C 151 -26.78 19.52 -25.79
CA LYS C 151 -26.42 20.02 -24.46
C LYS C 151 -26.47 18.92 -23.40
N ALA C 152 -27.41 17.97 -23.53
CA ALA C 152 -27.46 16.86 -22.58
C ALA C 152 -26.22 15.99 -22.70
N LYS C 153 -25.79 15.67 -23.93
CA LYS C 153 -24.59 14.85 -24.08
C LYS C 153 -23.36 15.53 -23.48
N GLU C 154 -23.27 16.86 -23.60
CA GLU C 154 -22.15 17.56 -22.99
C GLU C 154 -22.21 17.46 -21.47
N PHE C 155 -23.42 17.61 -20.89
CA PHE C 155 -23.62 17.41 -19.45
C PHE C 155 -23.20 15.99 -19.02
N VAL C 156 -23.59 14.97 -19.79
CA VAL C 156 -23.23 13.59 -19.46
C VAL C 156 -21.72 13.42 -19.37
N GLU C 157 -20.98 14.06 -20.28
CA GLU C 157 -19.53 13.94 -20.29
C GLU C 157 -18.91 14.59 -19.05
N GLU C 158 -19.59 15.58 -18.47
CA GLU C 158 -19.11 16.19 -17.23
C GLU C 158 -19.39 15.31 -16.01
N ASN C 159 -20.64 14.87 -15.83
CA ASN C 159 -20.97 13.93 -14.76
C ASN C 159 -22.15 13.09 -15.21
N ASP C 160 -21.96 11.78 -15.38
CA ASP C 160 -22.98 10.99 -16.08
C ASP C 160 -24.27 10.90 -15.27
N LEU C 161 -24.17 10.59 -13.97
CA LEU C 161 -25.37 10.35 -13.19
C LEU C 161 -26.16 11.63 -12.91
N ILE C 162 -25.46 12.74 -12.62
CA ILE C 162 -26.18 13.99 -12.37
C ILE C 162 -26.88 14.46 -13.64
N ALA C 163 -26.20 14.32 -14.79
CA ALA C 163 -26.85 14.65 -16.05
C ALA C 163 -28.09 13.78 -16.28
N LEU C 164 -27.98 12.48 -16.01
CA LEU C 164 -29.11 11.59 -16.23
C LEU C 164 -30.31 12.02 -15.38
N GLU C 165 -30.09 12.32 -14.10
CA GLU C 165 -31.18 12.76 -13.24
C GLU C 165 -31.85 14.01 -13.80
N CYS C 166 -31.06 14.97 -14.28
CA CYS C 166 -31.61 16.20 -14.83
C CYS C 166 -32.40 15.93 -16.11
N ILE C 167 -31.85 15.10 -17.00
CA ILE C 167 -32.52 14.79 -18.26
C ILE C 167 -33.85 14.10 -18.00
N VAL C 168 -33.84 13.07 -17.14
CA VAL C 168 -35.06 12.31 -16.86
C VAL C 168 -36.11 13.20 -16.22
N LYS C 169 -35.71 14.01 -15.23
CA LYS C 169 -36.68 14.87 -14.55
C LYS C 169 -37.29 15.89 -15.51
N THR C 170 -36.46 16.53 -16.34
CA THR C 170 -36.91 17.58 -17.25
CA THR C 170 -36.97 17.59 -17.20
C THR C 170 -37.90 17.04 -18.28
N ILE C 171 -37.54 15.94 -18.94
CA ILE C 171 -38.41 15.32 -19.94
C ILE C 171 -39.68 14.81 -19.29
N GLY C 172 -39.56 14.21 -18.11
CA GLY C 172 -40.75 13.78 -17.38
C GLY C 172 -41.70 14.92 -17.06
N ASP C 173 -41.15 16.03 -16.55
CA ASP C 173 -41.99 17.20 -16.28
C ASP C 173 -42.67 17.68 -17.55
N MET C 174 -41.90 17.83 -18.63
CA MET C 174 -42.43 18.40 -19.86
C MET C 174 -43.61 17.60 -20.39
N VAL C 175 -43.46 16.28 -20.51
CA VAL C 175 -44.56 15.48 -21.09
C VAL C 175 -45.71 15.27 -20.12
N ASN C 176 -45.55 15.61 -18.84
CA ASN C 176 -46.64 15.56 -17.87
C ASN C 176 -47.20 16.94 -17.56
N ASP C 177 -46.88 17.94 -18.39
CA ASP C 177 -47.43 19.29 -18.31
C ASP C 177 -47.12 19.98 -16.98
N ARG C 178 -45.96 19.66 -16.41
CA ARG C 178 -45.47 20.34 -15.22
C ARG C 178 -44.42 21.37 -15.64
N GLU C 179 -44.47 22.55 -15.04
CA GLU C 179 -43.50 23.58 -15.38
C GLU C 179 -42.08 23.10 -15.06
N ILE C 180 -41.16 23.32 -16.01
CA ILE C 180 -39.76 22.95 -15.84
C ILE C 180 -39.11 23.87 -14.81
N ASN C 181 -38.24 23.30 -13.97
CA ASN C 181 -37.42 24.10 -13.07
C ASN C 181 -36.15 24.46 -13.82
N SER C 182 -35.97 25.74 -14.12
CA SER C 182 -34.85 26.21 -14.91
C SER C 182 -33.69 26.70 -14.07
N ARG C 183 -33.77 26.56 -12.75
CA ARG C 183 -32.74 27.11 -11.86
C ARG C 183 -31.74 26.02 -11.49
N SER C 184 -30.49 26.43 -11.31
CA SER C 184 -29.44 25.48 -10.96
C SER C 184 -29.76 24.83 -9.62
N ARG C 185 -29.70 23.51 -9.58
CA ARG C 185 -29.93 22.76 -8.36
C ARG C 185 -28.64 22.27 -7.73
N TYR C 186 -27.49 22.73 -8.24
CA TYR C 186 -26.19 22.24 -7.78
C TYR C 186 -25.17 23.37 -7.67
N ASN C 187 -25.63 24.61 -7.44
CA ASN C 187 -24.76 25.76 -7.20
C ASN C 187 -23.84 26.05 -8.38
N ASN C 188 -24.28 25.67 -9.58
CA ASN C 188 -23.45 25.76 -10.79
C ASN C 188 -22.10 25.05 -10.61
N PHE C 189 -22.07 24.05 -9.73
CA PHE C 189 -20.89 23.20 -9.61
C PHE C 189 -20.59 22.47 -10.91
N TYR C 190 -21.63 21.94 -11.56
CA TYR C 190 -21.48 21.33 -12.88
C TYR C 190 -21.66 22.43 -13.92
N LYS C 191 -20.59 22.70 -14.68
CA LYS C 191 -20.58 23.83 -15.60
C LYS C 191 -21.55 23.67 -16.76
N LYS C 192 -21.95 22.44 -17.07
CA LYS C 192 -22.83 22.19 -18.22
C LYS C 192 -24.31 22.26 -17.84
N GLU C 193 -24.63 22.34 -16.55
CA GLU C 193 -26.04 22.42 -16.17
C GLU C 193 -26.73 23.63 -16.77
N ALA C 194 -26.05 24.79 -16.78
CA ALA C 194 -26.70 26.03 -17.16
C ALA C 194 -27.16 26.00 -18.61
N ASP C 195 -26.30 25.57 -19.53
CA ASP C 195 -26.68 25.50 -20.94
C ASP C 195 -27.71 24.40 -21.18
N PHE C 196 -27.64 23.31 -20.42
CA PHE C 196 -28.65 22.27 -20.52
C PHE C 196 -30.02 22.81 -20.12
N LEU C 197 -30.10 23.53 -19.00
CA LEU C 197 -31.40 24.03 -18.57
C LEU C 197 -31.95 25.08 -19.54
N GLY C 198 -31.07 25.89 -20.13
CA GLY C 198 -31.53 26.80 -21.17
C GLY C 198 -32.11 26.08 -22.36
N ALA C 199 -31.47 24.97 -22.77
CA ALA C 199 -32.04 24.18 -23.86
C ALA C 199 -33.34 23.51 -23.44
N ALA C 200 -33.45 23.12 -22.17
CA ALA C 200 -34.70 22.52 -21.69
C ALA C 200 -35.85 23.52 -21.76
N VAL C 201 -35.59 24.78 -21.41
CA VAL C 201 -36.64 25.80 -21.47
C VAL C 201 -37.10 26.01 -22.91
N GLU C 202 -36.16 26.04 -23.86
CA GLU C 202 -36.53 26.18 -25.26
C GLU C 202 -37.28 24.96 -25.77
N LEU C 203 -36.89 23.76 -25.32
CA LEU C 203 -37.63 22.55 -25.69
C LEU C 203 -39.06 22.60 -25.14
N GLU C 204 -39.21 23.02 -23.88
CA GLU C 204 -40.54 23.14 -23.28
C GLU C 204 -41.43 24.09 -24.06
N GLY C 205 -40.88 25.23 -24.48
CA GLY C 205 -41.68 26.18 -25.24
C GLY C 205 -42.09 25.63 -26.59
N ALA C 206 -41.20 24.88 -27.24
CA ALA C 206 -41.55 24.24 -28.50
C ALA C 206 -42.60 23.16 -28.30
N TYR C 207 -42.51 22.42 -27.19
CA TYR C 207 -43.47 21.37 -26.89
C TYR C 207 -44.85 21.96 -26.67
N LYS C 208 -44.94 22.99 -25.82
CA LYS C 208 -46.24 23.58 -25.50
C LYS C 208 -46.88 24.19 -26.74
N ALA C 209 -46.09 24.58 -27.74
CA ALA C 209 -46.64 25.22 -28.92
C ALA C 209 -47.25 24.23 -29.91
N ILE C 210 -47.17 22.93 -29.63
CA ILE C 210 -47.90 21.94 -30.40
C ILE C 210 -49.29 21.80 -29.79
N LYS C 211 -50.33 22.16 -30.54
CA LYS C 211 -51.70 22.00 -30.05
C LYS C 211 -52.02 20.50 -29.96
N GLN C 212 -52.55 20.09 -28.80
CA GLN C 212 -52.76 18.68 -28.52
C GLN C 212 -54.24 18.33 -28.54
N THR C 213 -54.51 17.07 -28.84
CA THR C 213 -55.87 16.55 -28.97
C THR C 213 -56.03 15.30 -28.09
N HIS D 1 0.67 -0.39 14.69
CA HIS D 1 0.15 0.73 13.92
C HIS D 1 -0.99 0.28 12.98
N MET D 2 -2.16 0.04 13.57
CA MET D 2 -3.35 -0.32 12.80
C MET D 2 -3.95 0.92 12.15
N LYS D 3 -3.16 1.59 11.32
CA LYS D 3 -3.60 2.83 10.69
C LYS D 3 -4.68 2.56 9.64
N CYS D 4 -5.49 3.58 9.37
CA CYS D 4 -6.49 3.55 8.32
C CYS D 4 -6.00 4.34 7.12
N TYR D 5 -6.08 3.75 5.94
CA TYR D 5 -5.68 4.38 4.68
C TYR D 5 -6.91 5.08 4.11
N PHE D 6 -6.81 6.36 3.80
CA PHE D 6 -8.00 7.06 3.34
C PHE D 6 -8.19 6.82 1.86
N PRO D 7 -9.34 6.30 1.42
CA PRO D 7 -9.51 5.86 0.04
C PRO D 7 -9.73 6.99 -0.94
N TYR D 8 -9.54 6.65 -2.22
CA TYR D 8 -10.08 7.45 -3.29
C TYR D 8 -11.61 7.47 -3.20
N LEU D 9 -12.22 8.61 -3.54
CA LEU D 9 -13.68 8.76 -3.50
C LEU D 9 -14.20 9.24 -4.84
N GLU D 10 -14.85 8.38 -5.60
CA GLU D 10 -15.54 8.86 -6.79
C GLU D 10 -16.61 9.86 -6.37
N ASN D 11 -16.62 11.00 -7.04
CA ASN D 11 -17.57 12.10 -6.79
C ASN D 11 -17.38 12.70 -5.40
N GLY D 12 -16.18 12.62 -4.84
CA GLY D 12 -15.86 13.22 -3.57
C GLY D 12 -14.72 14.22 -3.70
N TYR D 13 -14.54 15.02 -2.65
CA TYR D 13 -13.36 15.84 -2.50
C TYR D 13 -12.21 14.96 -1.98
N ASN D 14 -11.09 14.93 -2.71
CA ASN D 14 -10.11 13.87 -2.59
C ASN D 14 -8.77 14.32 -2.00
N GLN D 15 -8.75 15.44 -1.28
CA GLN D 15 -7.47 15.95 -0.77
C GLN D 15 -6.79 15.00 0.22
N ASN D 16 -7.53 14.07 0.83
CA ASN D 16 -6.95 13.16 1.81
C ASN D 16 -6.64 11.77 1.24
N HIS D 17 -6.93 11.52 -0.03
CA HIS D 17 -6.62 10.24 -0.67
C HIS D 17 -5.16 9.82 -0.44
N GLY D 18 -4.96 8.62 0.13
CA GLY D 18 -3.63 8.06 0.31
C GLY D 18 -2.94 8.43 1.61
N ARG D 19 -3.51 9.33 2.40
CA ARG D 19 -3.00 9.60 3.73
C ARG D 19 -3.45 8.52 4.70
N LYS D 20 -2.59 8.21 5.65
CA LYS D 20 -2.84 7.19 6.67
C LYS D 20 -3.02 7.86 8.04
N PHE D 21 -3.99 7.39 8.80
CA PHE D 21 -4.36 8.01 10.06
C PHE D 21 -4.43 6.95 11.17
N VAL D 22 -4.05 7.35 12.39
CA VAL D 22 -4.01 6.43 13.52
C VAL D 22 -5.41 6.13 14.03
N GLN D 23 -5.53 4.99 14.73
CA GLN D 23 -6.76 4.62 15.43
C GLN D 23 -7.23 5.78 16.32
N GLY D 24 -8.53 6.08 16.24
CA GLY D 24 -9.13 7.13 17.01
C GLY D 24 -9.11 8.50 16.36
N LYS D 25 -8.39 8.67 15.25
CA LYS D 25 -8.37 9.95 14.56
C LYS D 25 -9.65 10.14 13.74
N SER D 26 -10.26 11.31 13.86
CA SER D 26 -11.45 11.67 13.10
C SER D 26 -11.09 12.75 12.08
N ILE D 27 -11.74 12.70 10.91
CA ILE D 27 -11.56 13.68 9.86
C ILE D 27 -12.91 13.97 9.21
N ASP D 28 -13.00 15.15 8.59
CA ASP D 28 -14.20 15.56 7.89
C ASP D 28 -14.12 15.05 6.46
N VAL D 29 -15.27 14.63 5.90
CA VAL D 29 -15.34 14.16 4.52
C VAL D 29 -16.44 14.93 3.80
N ALA D 30 -16.18 15.31 2.56
CA ALA D 30 -17.17 16.02 1.76
C ALA D 30 -17.29 15.38 0.38
N CYS D 31 -18.52 15.39 -0.14
CA CYS D 31 -18.83 14.87 -1.47
C CYS D 31 -19.28 16.02 -2.37
N HIS D 32 -19.13 15.81 -3.68
CA HIS D 32 -19.61 16.77 -4.67
C HIS D 32 -21.13 16.92 -4.58
N PRO D 33 -21.65 18.07 -4.99
CA PRO D 33 -23.11 18.25 -5.04
C PRO D 33 -23.80 17.14 -5.82
N GLY D 34 -24.92 16.68 -5.27
CA GLY D 34 -25.62 15.53 -5.82
C GLY D 34 -25.19 14.21 -5.21
N TYR D 35 -24.16 14.22 -4.37
CA TYR D 35 -23.65 13.03 -3.71
C TYR D 35 -23.46 13.34 -2.23
N ALA D 36 -23.40 12.29 -1.41
CA ALA D 36 -23.24 12.46 0.03
C ALA D 36 -22.88 11.12 0.67
N LEU D 37 -22.32 11.19 1.86
CA LEU D 37 -22.17 9.98 2.64
C LEU D 37 -23.55 9.47 3.00
N PRO D 38 -23.69 8.16 3.23
CA PRO D 38 -24.98 7.66 3.73
C PRO D 38 -25.34 8.35 5.03
N LYS D 39 -26.64 8.55 5.23
CA LYS D 39 -27.19 9.15 6.45
C LYS D 39 -26.65 10.56 6.68
N ALA D 40 -26.23 11.24 5.60
CA ALA D 40 -25.76 12.62 5.63
C ALA D 40 -24.63 12.84 6.64
N GLN D 41 -23.81 11.81 6.86
CA GLN D 41 -22.69 11.97 7.79
C GLN D 41 -21.60 12.79 7.14
N THR D 42 -20.82 13.48 7.95
CA THR D 42 -19.77 14.35 7.42
C THR D 42 -18.41 14.13 8.10
N THR D 43 -18.30 13.20 9.04
CA THR D 43 -17.01 12.86 9.62
C THR D 43 -16.88 11.34 9.76
N VAL D 44 -15.65 10.87 9.63
CA VAL D 44 -15.34 9.45 9.76
C VAL D 44 -14.19 9.33 10.75
N THR D 45 -14.11 8.16 11.40
CA THR D 45 -13.11 7.92 12.44
C THR D 45 -12.44 6.58 12.19
N CYS D 46 -11.13 6.54 12.36
CA CYS D 46 -10.38 5.30 12.21
C CYS D 46 -10.60 4.42 13.42
N MET D 47 -11.17 3.24 13.20
CA MET D 47 -11.52 2.31 14.27
C MET D 47 -10.95 0.92 13.92
N GLU D 48 -11.22 -0.05 14.80
CA GLU D 48 -10.56 -1.35 14.71
C GLU D 48 -10.83 -2.06 13.39
N ASN D 49 -12.06 -1.99 12.90
CA ASN D 49 -12.41 -2.66 11.65
C ASN D 49 -12.21 -1.78 10.43
N GLY D 50 -11.58 -0.61 10.60
CA GLY D 50 -11.44 0.35 9.51
C GLY D 50 -12.19 1.64 9.75
N TRP D 51 -12.42 2.41 8.69
CA TRP D 51 -13.12 3.68 8.82
C TRP D 51 -14.55 3.48 9.27
N SER D 52 -15.02 4.36 10.12
CA SER D 52 -16.40 4.26 10.57
C SER D 52 -17.03 5.64 10.63
N PRO D 53 -18.09 5.89 9.85
CA PRO D 53 -18.58 4.95 8.84
C PRO D 53 -17.62 4.84 7.66
N THR D 54 -17.88 3.91 6.76
CA THR D 54 -17.09 3.81 5.53
C THR D 54 -17.32 5.06 4.69
N PRO D 55 -16.28 5.78 4.30
CA PRO D 55 -16.50 6.94 3.44
C PRO D 55 -16.76 6.47 2.02
N ARG D 56 -17.85 6.96 1.44
CA ARG D 56 -18.24 6.71 0.06
C ARG D 56 -19.32 7.73 -0.27
N CYS D 57 -19.34 8.16 -1.52
CA CYS D 57 -20.22 9.25 -1.91
C CYS D 57 -21.36 8.69 -2.74
N ILE D 58 -22.46 8.33 -2.07
CA ILE D 58 -23.60 7.76 -2.79
C ILE D 58 -24.43 8.90 -3.39
N ARG D 59 -25.33 8.56 -4.31
CA ARG D 59 -26.20 9.58 -4.89
C ARG D 59 -27.26 10.02 -3.87
N VAL D 60 -27.54 11.31 -3.84
CA VAL D 60 -28.61 11.83 -3.00
C VAL D 60 -29.95 11.36 -3.59
N LYS D 61 -30.92 11.13 -2.70
CA LYS D 61 -32.27 10.68 -3.05
C LYS D 61 -32.86 11.38 -4.28
MG MG E . 23.11 -28.40 4.04
MG MG F . -9.29 -8.23 -20.30
#